data_4XWI
#
_entry.id   4XWI
#
_cell.length_a   71.370
_cell.length_b   71.370
_cell.length_c   231.470
_cell.angle_alpha   90.000
_cell.angle_beta   90.000
_cell.angle_gamma   120.000
#
_symmetry.space_group_name_H-M   'P 31 2 1'
#
loop_
_entity.id
_entity.type
_entity.pdbx_description
1 polymer '3-deoxy-manno-octulosonate cytidylyltransferase'
2 non-polymer 'SULFATE ION'
3 non-polymer 'SODIUM ION'
4 water water
#
_entity_poly.entity_id   1
_entity_poly.type   'polypeptide(L)'
_entity_poly.pdbx_seq_one_letter_code
;MAHHHHHHMTQAFTVVIPARYASTRLPGKPLQDIAGQPMIQRVWNQARKSAASRVVVATDDERILAACQGFGAEALLTRA
EHNSGTDRLEEVASRLGLASDAIVVNVQGDEPLIPPALIDQVAANLAAHPEAAIATLAEPIHEVSALFNPNVVKVATDID
GLALTFSRAPLPWARDAFARDRDSLPEGVPYRRHIGIYAYRVGFLADFVAWGPCWLENAESLEQLRALWHGVRIHVADAR
ENMLPGVDTPEDLERVRRVLGG
;
_entity_poly.pdbx_strand_id   A,B
#
loop_
_chem_comp.id
_chem_comp.type
_chem_comp.name
_chem_comp.formula
NA non-polymer 'SODIUM ION' 'Na 1'
SO4 non-polymer 'SULFATE ION' 'O4 S -2'
#
# COMPACT_ATOMS: atom_id res chain seq x y z
N GLN A 11 -3.24 -29.26 -2.26
CA GLN A 11 -1.99 -28.53 -2.40
C GLN A 11 -1.08 -28.75 -1.19
N ALA A 12 0.16 -29.15 -1.45
CA ALA A 12 1.09 -29.39 -0.37
C ALA A 12 1.71 -28.09 0.13
N PHE A 13 1.95 -28.01 1.43
CA PHE A 13 2.74 -26.93 2.01
C PHE A 13 3.37 -27.33 3.32
N THR A 14 4.43 -26.62 3.68
CA THR A 14 5.15 -26.91 4.93
C THR A 14 4.95 -25.76 5.89
N VAL A 15 4.70 -26.08 7.15
CA VAL A 15 4.61 -25.06 8.20
C VAL A 15 5.93 -24.98 8.93
N VAL A 16 6.45 -23.76 9.05
CA VAL A 16 7.60 -23.52 9.91
C VAL A 16 7.19 -22.67 11.10
N ILE A 17 7.54 -23.11 12.30
CA ILE A 17 7.19 -22.35 13.50
C ILE A 17 8.44 -21.80 14.18
N PRO A 18 8.70 -20.50 13.99
CA PRO A 18 9.86 -19.86 14.63
C PRO A 18 9.63 -19.78 16.13
N ALA A 19 10.62 -20.16 16.93
CA ALA A 19 10.48 -20.11 18.37
C ALA A 19 11.77 -19.62 19.00
N ARG A 20 11.79 -18.35 19.38
CA ARG A 20 13.00 -17.73 19.88
C ARG A 20 12.92 -17.72 21.38
N TYR A 21 14.03 -18.02 22.04
CA TYR A 21 14.06 -18.13 23.49
C TYR A 21 13.90 -16.79 24.20
N ALA A 22 14.70 -15.80 23.79
CA ALA A 22 14.78 -14.57 24.55
C ALA A 22 13.61 -13.65 24.23
N SER A 23 13.08 -13.03 25.27
CA SER A 23 12.09 -11.99 25.13
C SER A 23 12.21 -11.08 26.34
N THR A 24 12.12 -9.79 26.10
CA THR A 24 12.27 -8.79 27.14
C THR A 24 11.35 -9.08 28.32
N ARG A 25 10.06 -9.28 28.05
CA ARG A 25 9.08 -9.36 29.14
C ARG A 25 8.63 -10.81 29.46
N LEU A 26 9.13 -11.78 28.70
CA LEU A 26 8.88 -13.20 28.98
C LEU A 26 10.10 -14.07 28.71
N PRO A 27 10.94 -14.31 29.73
CA PRO A 27 12.14 -15.14 29.54
C PRO A 27 11.78 -16.57 29.17
N GLY A 28 12.52 -17.19 28.25
CA GLY A 28 12.21 -18.53 27.78
C GLY A 28 10.79 -18.63 27.27
N LYS A 29 10.37 -17.58 26.56
CA LYS A 29 8.99 -17.41 26.12
C LYS A 29 8.26 -18.65 25.56
N PRO A 30 8.87 -19.37 24.60
CA PRO A 30 8.18 -20.54 24.03
C PRO A 30 7.93 -21.66 25.04
N LEU A 31 8.68 -21.67 26.14
CA LEU A 31 8.53 -22.74 27.13
C LEU A 31 7.62 -22.33 28.31
N GLN A 32 7.07 -21.12 28.26
CA GLN A 32 6.12 -20.71 29.29
C GLN A 32 4.91 -21.63 29.20
N ASP A 33 4.36 -21.98 30.36
CA ASP A 33 3.29 -22.97 30.48
C ASP A 33 1.92 -22.40 30.14
N ILE A 34 1.15 -23.11 29.30
CA ILE A 34 -0.25 -22.78 29.07
C ILE A 34 -1.12 -24.02 29.37
N ALA A 35 -1.70 -24.06 30.57
CA ALA A 35 -2.61 -25.11 30.98
C ALA A 35 -1.98 -26.49 30.79
N GLY A 36 -0.71 -26.60 31.12
CA GLY A 36 -0.08 -27.91 31.25
C GLY A 36 0.88 -28.24 30.12
N GLN A 37 0.87 -27.44 29.05
CA GLN A 37 1.80 -27.61 27.94
C GLN A 37 2.53 -26.30 27.65
N PRO A 38 3.81 -26.37 27.22
CA PRO A 38 4.50 -25.12 26.86
C PRO A 38 3.84 -24.45 25.67
N MET A 39 3.92 -23.13 25.60
CA MET A 39 3.26 -22.39 24.53
C MET A 39 3.61 -22.96 23.14
N ILE A 40 4.88 -23.28 22.91
CA ILE A 40 5.29 -23.82 21.61
C ILE A 40 4.53 -25.11 21.27
N GLN A 41 4.23 -25.95 22.26
CA GLN A 41 3.43 -27.15 22.01
C GLN A 41 1.99 -26.79 21.60
N ARG A 42 1.41 -25.79 22.25
CA ARG A 42 0.09 -25.31 21.84
C ARG A 42 0.10 -24.85 20.36
N VAL A 43 1.13 -24.12 19.95
CA VAL A 43 1.20 -23.64 18.56
C VAL A 43 1.32 -24.83 17.60
N TRP A 44 2.19 -25.76 17.95
CA TRP A 44 2.42 -26.95 17.15
C TRP A 44 1.12 -27.76 17.02
N ASN A 45 0.37 -27.91 18.11
CA ASN A 45 -0.95 -28.58 18.07
C ASN A 45 -1.90 -27.90 17.06
N GLN A 46 -1.90 -26.57 17.02
CA GLN A 46 -2.76 -25.87 16.08
C GLN A 46 -2.30 -26.15 14.66
N ALA A 47 -1.00 -26.11 14.46
CA ALA A 47 -0.44 -26.37 13.13
C ALA A 47 -0.79 -27.79 12.66
N ARG A 48 -0.80 -28.75 13.57
CA ARG A 48 -1.09 -30.13 13.18
C ARG A 48 -2.54 -30.30 12.74
N LYS A 49 -3.40 -29.41 13.19
CA LYS A 49 -4.80 -29.44 12.81
C LYS A 49 -5.00 -28.86 11.40
N SER A 50 -3.97 -28.22 10.86
CA SER A 50 -4.12 -27.62 9.52
C SER A 50 -3.86 -28.68 8.48
N ALA A 51 -3.93 -28.30 7.22
CA ALA A 51 -3.69 -29.24 6.13
C ALA A 51 -2.19 -29.41 5.81
N ALA A 52 -1.32 -28.85 6.64
CA ALA A 52 0.14 -28.89 6.36
C ALA A 52 0.64 -30.30 6.11
N SER A 53 1.53 -30.45 5.13
CA SER A 53 2.14 -31.73 4.79
C SER A 53 3.23 -32.10 5.79
N ARG A 54 3.72 -31.09 6.50
CA ARG A 54 4.86 -31.21 7.40
C ARG A 54 4.90 -29.97 8.28
N VAL A 55 5.21 -30.18 9.55
CA VAL A 55 5.35 -29.07 10.53
C VAL A 55 6.72 -29.16 11.18
N VAL A 56 7.50 -28.07 11.11
CA VAL A 56 8.83 -28.04 11.73
C VAL A 56 8.98 -26.82 12.63
N VAL A 57 9.48 -27.06 13.85
CA VAL A 57 9.81 -25.96 14.74
C VAL A 57 11.24 -25.52 14.46
N ALA A 58 11.42 -24.21 14.25
CA ALA A 58 12.73 -23.62 14.04
C ALA A 58 13.10 -22.81 15.25
N THR A 59 14.04 -23.26 16.05
CA THR A 59 14.34 -22.54 17.28
C THR A 59 15.78 -22.11 17.31
N ASP A 60 16.11 -21.18 18.21
CA ASP A 60 17.49 -20.69 18.34
C ASP A 60 18.14 -21.18 19.64
N ASP A 61 17.49 -22.11 20.34
CA ASP A 61 17.98 -22.55 21.65
C ASP A 61 17.80 -24.04 21.89
N GLU A 62 18.87 -24.70 22.34
CA GLU A 62 18.88 -26.14 22.60
C GLU A 62 17.75 -26.60 23.52
N ARG A 63 17.42 -25.76 24.50
CA ARG A 63 16.39 -26.12 25.47
C ARG A 63 15.02 -26.23 24.82
N ILE A 64 14.74 -25.35 23.86
CA ILE A 64 13.49 -25.45 23.14
C ILE A 64 13.51 -26.65 22.21
N LEU A 65 14.63 -26.88 21.55
CA LEU A 65 14.78 -28.05 20.69
C LEU A 65 14.49 -29.34 21.48
N ALA A 66 15.07 -29.44 22.67
CA ALA A 66 14.87 -30.59 23.53
C ALA A 66 13.41 -30.75 23.95
N ALA A 67 12.77 -29.63 24.31
CA ALA A 67 11.38 -29.68 24.74
C ALA A 67 10.50 -30.17 23.60
N CYS A 68 10.68 -29.56 22.42
CA CYS A 68 9.91 -29.96 21.24
C CYS A 68 10.03 -31.45 20.91
N GLN A 69 11.25 -31.95 20.84
CA GLN A 69 11.48 -33.37 20.56
C GLN A 69 10.84 -34.22 21.65
N GLY A 70 10.85 -33.67 22.87
CA GLY A 70 10.22 -34.29 24.02
C GLY A 70 8.71 -34.51 23.92
N PHE A 71 8.00 -33.67 23.17
CA PHE A 71 6.58 -33.94 22.97
C PHE A 71 6.25 -34.41 21.53
N GLY A 72 7.27 -34.74 20.75
CA GLY A 72 7.05 -35.34 19.44
C GLY A 72 7.22 -34.48 18.20
N ALA A 73 7.46 -33.17 18.39
CA ALA A 73 7.60 -32.28 17.25
C ALA A 73 8.95 -32.43 16.55
N GLU A 74 8.89 -32.37 15.23
CA GLU A 74 10.12 -32.22 14.46
C GLU A 74 10.64 -30.80 14.65
N ALA A 75 11.92 -30.68 15.00
CA ALA A 75 12.47 -29.37 15.32
C ALA A 75 13.91 -29.26 14.88
N LEU A 76 14.36 -28.05 14.56
CA LEU A 76 15.78 -27.86 14.34
C LEU A 76 16.28 -26.58 14.95
N LEU A 77 17.60 -26.52 15.12
CA LEU A 77 18.27 -25.37 15.67
C LEU A 77 18.72 -24.44 14.54
N THR A 78 18.30 -23.19 14.59
CA THR A 78 18.70 -22.20 13.58
C THR A 78 19.88 -21.37 14.04
N ARG A 79 20.13 -20.28 13.32
CA ARG A 79 21.09 -19.24 13.69
CA ARG A 79 21.10 -19.29 13.74
C ARG A 79 20.40 -18.22 14.58
N ALA A 80 21.06 -17.83 15.67
CA ALA A 80 20.48 -16.87 16.61
C ALA A 80 20.33 -15.44 16.06
N GLU A 81 21.12 -15.08 15.06
CA GLU A 81 21.25 -13.67 14.67
C GLU A 81 20.50 -13.26 13.39
N HIS A 82 19.46 -13.98 13.00
CA HIS A 82 18.63 -13.53 11.88
C HIS A 82 17.96 -12.18 12.17
N ASN A 83 18.13 -11.23 11.25
CA ASN A 83 17.59 -9.88 11.46
C ASN A 83 16.10 -9.79 11.15
N SER A 84 15.51 -10.86 10.64
CA SER A 84 14.09 -10.85 10.29
C SER A 84 13.48 -12.23 10.25
N GLY A 85 12.16 -12.29 10.31
CA GLY A 85 11.50 -13.59 10.29
C GLY A 85 11.64 -14.29 8.93
N THR A 86 11.64 -13.52 7.85
CA THR A 86 11.80 -14.13 6.54
C THR A 86 13.20 -14.76 6.39
N ASP A 87 14.22 -14.09 6.93
CA ASP A 87 15.59 -14.62 6.93
C ASP A 87 15.61 -16.01 7.59
N ARG A 88 14.95 -16.14 8.73
CA ARG A 88 14.93 -17.39 9.46
C ARG A 88 14.26 -18.49 8.65
N LEU A 89 13.17 -18.14 7.99
CA LEU A 89 12.47 -19.08 7.14
C LEU A 89 13.32 -19.56 5.98
N GLU A 90 14.10 -18.63 5.41
CA GLU A 90 14.96 -19.02 4.30
C GLU A 90 15.97 -20.08 4.75
N GLU A 91 16.53 -19.93 5.94
CA GLU A 91 17.52 -20.91 6.41
C GLU A 91 16.87 -22.30 6.52
N VAL A 92 15.67 -22.34 7.10
CA VAL A 92 14.95 -23.60 7.24
C VAL A 92 14.60 -24.20 5.88
N ALA A 93 14.05 -23.41 4.98
CA ALA A 93 13.64 -23.92 3.68
C ALA A 93 14.83 -24.49 2.94
N SER A 94 15.98 -23.83 3.09
CA SER A 94 17.18 -24.26 2.39
C SER A 94 17.70 -25.57 2.99
N ARG A 95 17.69 -25.65 4.30
CA ARG A 95 18.16 -26.87 4.95
C ARG A 95 17.26 -28.06 4.66
N LEU A 96 15.95 -27.85 4.63
CA LEU A 96 15.00 -28.91 4.24
C LEU A 96 15.06 -29.27 2.77
N GLY A 97 15.68 -28.41 1.96
CA GLY A 97 15.80 -28.71 0.55
C GLY A 97 14.50 -28.55 -0.23
N LEU A 98 13.62 -27.66 0.23
CA LEU A 98 12.34 -27.44 -0.47
C LEU A 98 12.53 -26.85 -1.87
N ALA A 99 11.70 -27.27 -2.81
CA ALA A 99 11.78 -26.77 -4.18
C ALA A 99 11.34 -25.30 -4.21
N SER A 100 11.81 -24.57 -5.22
CA SER A 100 11.60 -23.13 -5.25
C SER A 100 10.13 -22.77 -5.48
N ASP A 101 9.36 -23.70 -6.05
CA ASP A 101 7.92 -23.47 -6.21
C ASP A 101 7.08 -24.06 -5.08
N ALA A 102 7.72 -24.67 -4.09
CA ALA A 102 7.01 -25.13 -2.90
C ALA A 102 6.52 -23.94 -2.07
N ILE A 103 5.52 -24.21 -1.24
CA ILE A 103 4.91 -23.20 -0.38
C ILE A 103 5.25 -23.47 1.08
N VAL A 104 5.74 -22.43 1.77
CA VAL A 104 6.00 -22.52 3.19
CA VAL A 104 6.00 -22.54 3.20
C VAL A 104 5.16 -21.49 3.93
N VAL A 105 4.57 -21.91 5.05
CA VAL A 105 3.72 -21.01 5.84
C VAL A 105 4.43 -20.77 7.16
N ASN A 106 4.56 -19.50 7.50
CA ASN A 106 5.20 -19.11 8.73
C ASN A 106 4.15 -18.95 9.84
N VAL A 107 4.22 -19.79 10.86
CA VAL A 107 3.30 -19.69 11.99
C VAL A 107 4.12 -19.38 13.24
N GLN A 108 3.95 -18.18 13.78
CA GLN A 108 4.75 -17.68 14.88
C GLN A 108 4.57 -18.49 16.16
N GLY A 109 5.67 -18.73 16.86
CA GLY A 109 5.65 -19.58 18.05
C GLY A 109 4.98 -18.90 19.23
N ASP A 110 4.49 -17.67 19.05
CA ASP A 110 3.80 -17.04 20.16
C ASP A 110 2.34 -16.75 19.80
N GLU A 111 1.79 -17.57 18.92
CA GLU A 111 0.38 -17.48 18.56
C GLU A 111 -0.37 -18.77 18.91
N PRO A 112 -0.46 -19.09 20.21
CA PRO A 112 -1.07 -20.40 20.55
C PRO A 112 -2.55 -20.54 20.17
N LEU A 113 -3.25 -19.44 19.91
CA LEU A 113 -4.68 -19.55 19.60
C LEU A 113 -4.97 -19.48 18.09
N ILE A 114 -3.93 -19.57 17.26
CA ILE A 114 -4.12 -19.45 15.82
C ILE A 114 -5.09 -20.53 15.31
N PRO A 115 -6.13 -20.12 14.56
CA PRO A 115 -7.07 -21.11 14.02
C PRO A 115 -6.44 -21.82 12.84
N PRO A 116 -6.52 -23.16 12.78
CA PRO A 116 -5.92 -23.91 11.67
C PRO A 116 -6.44 -23.46 10.31
N ALA A 117 -7.70 -23.05 10.25
CA ALA A 117 -8.31 -22.59 9.00
C ALA A 117 -7.55 -21.43 8.38
N LEU A 118 -6.92 -20.57 9.21
CA LEU A 118 -6.17 -19.42 8.69
C LEU A 118 -4.86 -19.87 8.04
N ILE A 119 -4.26 -20.94 8.58
CA ILE A 119 -3.07 -21.50 7.99
C ILE A 119 -3.40 -22.07 6.61
N ASP A 120 -4.49 -22.82 6.54
CA ASP A 120 -4.94 -23.38 5.27
C ASP A 120 -5.26 -22.27 4.29
N GLN A 121 -5.84 -21.21 4.81
CA GLN A 121 -6.32 -20.12 3.95
C GLN A 121 -5.18 -19.44 3.20
N VAL A 122 -4.10 -19.11 3.89
CA VAL A 122 -3.02 -18.42 3.19
C VAL A 122 -2.36 -19.33 2.18
N ALA A 123 -2.24 -20.63 2.50
CA ALA A 123 -1.62 -21.56 1.56
C ALA A 123 -2.50 -21.73 0.33
N ALA A 124 -3.81 -21.86 0.55
CA ALA A 124 -4.75 -21.96 -0.56
C ALA A 124 -4.71 -20.70 -1.43
N ASN A 125 -4.68 -19.55 -0.79
CA ASN A 125 -4.73 -18.29 -1.55
C ASN A 125 -3.48 -18.11 -2.42
N LEU A 126 -2.32 -18.45 -1.88
CA LEU A 126 -1.07 -18.27 -2.62
C LEU A 126 -1.13 -19.13 -3.87
N ALA A 127 -1.54 -20.39 -3.68
CA ALA A 127 -1.69 -21.32 -4.80
C ALA A 127 -2.60 -20.76 -5.88
N ALA A 128 -3.66 -20.06 -5.47
CA ALA A 128 -4.67 -19.56 -6.40
C ALA A 128 -4.24 -18.26 -7.09
N HIS A 129 -3.17 -17.65 -6.61
CA HIS A 129 -2.70 -16.37 -7.17
C HIS A 129 -1.26 -16.42 -7.64
N PRO A 130 -1.03 -17.03 -8.82
CA PRO A 130 0.32 -17.20 -9.37
C PRO A 130 1.02 -15.87 -9.57
N GLU A 131 0.27 -14.78 -9.62
CA GLU A 131 0.84 -13.46 -9.86
C GLU A 131 1.51 -12.93 -8.59
N ALA A 132 1.27 -13.60 -7.45
CA ALA A 132 1.84 -13.16 -6.19
C ALA A 132 2.87 -14.17 -5.68
N ALA A 133 3.88 -13.68 -4.97
CA ALA A 133 4.89 -14.57 -4.36
C ALA A 133 4.59 -14.82 -2.89
N ILE A 134 3.70 -14.01 -2.32
CA ILE A 134 3.33 -14.08 -0.91
C ILE A 134 1.82 -13.94 -0.76
N ALA A 135 1.22 -14.70 0.15
CA ALA A 135 -0.18 -14.47 0.52
C ALA A 135 -0.29 -14.27 2.02
N THR A 136 -1.18 -13.36 2.44
CA THR A 136 -1.30 -13.06 3.85
C THR A 136 -2.74 -12.61 4.15
N LEU A 137 -3.01 -12.22 5.39
CA LEU A 137 -4.39 -12.02 5.81
C LEU A 137 -4.61 -10.68 6.47
N ALA A 138 -5.87 -10.27 6.54
CA ALA A 138 -6.23 -9.05 7.22
C ALA A 138 -7.54 -9.22 7.97
N GLU A 139 -7.79 -8.31 8.91
CA GLU A 139 -9.03 -8.30 9.67
C GLU A 139 -9.56 -6.88 9.76
N PRO A 140 -10.90 -6.73 9.86
CA PRO A 140 -11.51 -5.41 10.02
C PRO A 140 -11.01 -4.68 11.26
N ILE A 141 -10.84 -3.36 11.14
CA ILE A 141 -10.51 -2.51 12.28
C ILE A 141 -11.80 -1.90 12.81
N HIS A 142 -12.01 -1.97 14.12
CA HIS A 142 -13.25 -1.46 14.71
C HIS A 142 -13.02 -0.21 15.56
N GLU A 143 -11.80 0.01 16.00
CA GLU A 143 -11.51 1.15 16.86
C GLU A 143 -10.69 2.19 16.14
N VAL A 144 -11.15 3.44 16.18
CA VAL A 144 -10.47 4.54 15.52
C VAL A 144 -9.08 4.75 16.12
N SER A 145 -8.95 4.49 17.43
CA SER A 145 -7.69 4.66 18.14
C SER A 145 -6.63 3.69 17.65
N ALA A 146 -7.09 2.57 17.11
CA ALA A 146 -6.22 1.53 16.58
C ALA A 146 -5.71 1.95 15.22
N LEU A 147 -6.55 2.69 14.50
CA LEU A 147 -6.17 3.22 13.20
C LEU A 147 -5.01 4.20 13.33
N PHE A 148 -5.06 5.01 14.38
CA PHE A 148 -4.05 6.04 14.62
C PHE A 148 -2.93 5.52 15.53
N ASN A 149 -2.93 4.21 15.75
CA ASN A 149 -1.92 3.55 16.53
C ASN A 149 -0.87 2.94 15.61
N PRO A 150 0.34 3.50 15.64
CA PRO A 150 1.44 3.08 14.75
C PRO A 150 1.85 1.61 15.00
N ASN A 151 1.49 1.06 16.16
CA ASN A 151 1.74 -0.34 16.46
C ASN A 151 0.80 -1.29 15.73
N VAL A 152 -0.28 -0.74 15.20
CA VAL A 152 -1.22 -1.52 14.39
C VAL A 152 -0.88 -1.33 12.91
N VAL A 153 -0.61 -2.42 12.21
CA VAL A 153 -0.23 -2.32 10.80
C VAL A 153 -1.46 -2.30 9.91
N LYS A 154 -1.65 -1.19 9.17
CA LYS A 154 -2.77 -1.11 8.25
C LYS A 154 -2.37 -1.64 6.88
N VAL A 155 -3.36 -2.15 6.14
CA VAL A 155 -3.11 -2.61 4.78
C VAL A 155 -4.26 -2.15 3.89
N ALA A 156 -3.92 -1.83 2.64
CA ALA A 156 -4.93 -1.54 1.63
C ALA A 156 -4.63 -2.35 0.38
N THR A 157 -5.68 -2.85 -0.28
CA THR A 157 -5.51 -3.73 -1.43
C THR A 157 -6.21 -3.21 -2.69
N ASP A 158 -5.95 -3.85 -3.82
CA ASP A 158 -6.77 -3.56 -5.00
C ASP A 158 -7.98 -4.50 -5.01
N ILE A 159 -8.77 -4.43 -6.09
CA ILE A 159 -10.02 -5.17 -6.21
C ILE A 159 -9.79 -6.69 -6.21
N ASP A 160 -8.59 -7.12 -6.57
CA ASP A 160 -8.27 -8.55 -6.65
C ASP A 160 -7.56 -9.02 -5.38
N GLY A 161 -7.37 -8.11 -4.42
CA GLY A 161 -6.71 -8.47 -3.18
C GLY A 161 -5.20 -8.28 -3.13
N LEU A 162 -4.59 -7.81 -4.23
CA LEU A 162 -3.16 -7.52 -4.17
C LEU A 162 -2.93 -6.27 -3.33
N ALA A 163 -1.99 -6.35 -2.39
CA ALA A 163 -1.67 -5.23 -1.52
C ALA A 163 -1.26 -3.99 -2.34
N LEU A 164 -1.82 -2.82 -2.01
CA LEU A 164 -1.29 -1.55 -2.52
C LEU A 164 -0.08 -1.18 -1.67
N THR A 165 -0.27 -1.12 -0.36
CA THR A 165 0.86 -1.03 0.56
C THR A 165 0.45 -1.46 1.97
N PHE A 166 1.44 -1.60 2.84
CA PHE A 166 1.23 -1.77 4.27
C PHE A 166 1.82 -0.54 4.94
N SER A 167 1.16 -0.04 5.98
CA SER A 167 1.69 1.12 6.67
C SER A 167 1.20 1.23 8.11
N ARG A 168 2.05 1.77 8.98
CA ARG A 168 1.63 2.10 10.34
C ARG A 168 0.79 3.37 10.36
N ALA A 169 0.79 4.10 9.25
CA ALA A 169 0.00 5.34 9.13
C ALA A 169 -1.49 5.02 8.98
N PRO A 170 -2.37 5.97 9.34
CA PRO A 170 -3.82 5.84 9.17
C PRO A 170 -4.25 5.76 7.69
N LEU A 171 -4.31 4.54 7.17
CA LEU A 171 -4.49 4.28 5.76
C LEU A 171 -5.70 3.37 5.48
N PRO A 172 -6.58 3.77 4.56
CA PRO A 172 -6.60 5.02 3.78
C PRO A 172 -7.05 6.19 4.62
N TRP A 173 -6.68 7.40 4.23
CA TRP A 173 -7.14 8.57 4.95
C TRP A 173 -8.57 8.90 4.55
N ALA A 174 -9.46 9.03 5.53
CA ALA A 174 -10.83 9.48 5.26
C ALA A 174 -10.88 11.01 5.36
N ARG A 175 -10.70 11.66 4.21
CA ARG A 175 -10.57 13.12 4.17
CA ARG A 175 -10.59 13.12 4.14
C ARG A 175 -11.70 13.85 4.87
N ASP A 176 -12.93 13.70 4.38
CA ASP A 176 -14.05 14.46 4.94
C ASP A 176 -14.36 14.03 6.36
N ALA A 177 -14.33 12.72 6.60
CA ALA A 177 -14.68 12.16 7.90
C ALA A 177 -13.71 12.65 9.00
N PHE A 178 -12.42 12.52 8.77
CA PHE A 178 -11.42 12.89 9.77
C PHE A 178 -11.33 14.40 9.98
N ALA A 179 -11.67 15.18 8.96
CA ALA A 179 -11.70 16.62 9.09
C ALA A 179 -12.85 17.04 10.00
N ARG A 180 -13.89 16.21 10.03
CA ARG A 180 -15.09 16.47 10.82
C ARG A 180 -14.95 15.92 12.24
N ASP A 181 -14.48 14.68 12.36
CA ASP A 181 -14.38 14.01 13.65
C ASP A 181 -13.37 12.86 13.63
N ARG A 182 -12.41 12.88 14.55
CA ARG A 182 -11.43 11.80 14.65
C ARG A 182 -11.66 10.93 15.88
N ASP A 183 -12.89 10.93 16.39
CA ASP A 183 -13.23 10.12 17.56
C ASP A 183 -14.13 8.96 17.17
N SER A 184 -14.39 8.86 15.88
CA SER A 184 -15.31 7.85 15.36
C SER A 184 -14.75 7.27 14.07
N LEU A 185 -15.04 6.01 13.81
CA LEU A 185 -14.63 5.35 12.59
C LEU A 185 -15.55 5.77 11.45
N PRO A 186 -14.96 6.18 10.31
CA PRO A 186 -15.75 6.57 9.14
C PRO A 186 -16.70 5.46 8.71
N GLU A 187 -17.99 5.75 8.69
CA GLU A 187 -19.00 4.73 8.34
C GLU A 187 -18.75 4.14 6.95
N GLY A 188 -18.85 2.83 6.85
CA GLY A 188 -18.79 2.16 5.56
C GLY A 188 -17.42 1.99 4.92
N VAL A 189 -16.38 2.56 5.51
CA VAL A 189 -15.02 2.43 4.97
C VAL A 189 -14.33 1.21 5.60
N PRO A 190 -14.01 0.20 4.78
CA PRO A 190 -13.49 -1.06 5.30
C PRO A 190 -12.02 -1.00 5.67
N TYR A 191 -11.72 -0.52 6.88
CA TYR A 191 -10.33 -0.50 7.35
C TYR A 191 -9.85 -1.89 7.65
N ARG A 192 -8.60 -2.18 7.31
CA ARG A 192 -8.04 -3.51 7.49
C ARG A 192 -6.72 -3.45 8.27
N ARG A 193 -6.63 -4.35 9.25
CA ARG A 193 -5.40 -4.54 10.01
C ARG A 193 -4.75 -5.83 9.53
N HIS A 194 -3.45 -5.78 9.28
CA HIS A 194 -2.71 -6.91 8.72
C HIS A 194 -2.49 -7.98 9.78
N ILE A 195 -2.75 -9.23 9.44
CA ILE A 195 -2.45 -10.36 10.31
C ILE A 195 -1.19 -11.03 9.77
N GLY A 196 -0.13 -11.03 10.57
CA GLY A 196 1.15 -11.52 10.09
C GLY A 196 1.32 -13.03 9.96
N ILE A 197 0.36 -13.69 9.31
CA ILE A 197 0.54 -15.06 8.88
C ILE A 197 0.80 -14.99 7.40
N TYR A 198 1.88 -15.62 6.95
CA TYR A 198 2.24 -15.57 5.54
C TYR A 198 2.41 -16.94 4.92
N ALA A 199 2.02 -17.07 3.65
CA ALA A 199 2.50 -18.15 2.81
C ALA A 199 3.48 -17.53 1.82
N TYR A 200 4.59 -18.21 1.64
CA TYR A 200 5.65 -17.81 0.73
C TYR A 200 5.94 -18.87 -0.31
N ARG A 201 6.19 -18.47 -1.55
CA ARG A 201 6.88 -19.40 -2.43
CA ARG A 201 6.89 -19.36 -2.48
C ARG A 201 8.35 -19.40 -2.03
N VAL A 202 8.93 -20.59 -1.97
CA VAL A 202 10.30 -20.74 -1.47
C VAL A 202 11.30 -19.91 -2.26
N GLY A 203 11.17 -19.89 -3.58
CA GLY A 203 12.03 -19.09 -4.43
C GLY A 203 12.05 -17.60 -4.07
N PHE A 204 10.96 -17.08 -3.53
CA PHE A 204 10.95 -15.69 -3.06
C PHE A 204 11.95 -15.49 -1.93
N LEU A 205 12.09 -16.50 -1.07
CA LEU A 205 12.97 -16.39 0.10
C LEU A 205 14.40 -16.11 -0.36
N ALA A 206 14.83 -16.77 -1.44
CA ALA A 206 16.14 -16.50 -2.01
C ALA A 206 16.25 -15.06 -2.53
N ASP A 207 15.20 -14.54 -3.16
CA ASP A 207 15.24 -13.17 -3.63
C ASP A 207 15.35 -12.21 -2.45
N PHE A 208 14.56 -12.48 -1.42
CA PHE A 208 14.51 -11.65 -0.23
C PHE A 208 15.91 -11.50 0.34
N VAL A 209 16.60 -12.63 0.53
CA VAL A 209 17.91 -12.60 1.11
C VAL A 209 18.94 -11.91 0.21
N ALA A 210 18.84 -12.11 -1.10
CA ALA A 210 19.76 -11.50 -2.04
C ALA A 210 19.62 -9.97 -2.07
N TRP A 211 18.38 -9.48 -1.99
CA TRP A 211 18.14 -8.04 -2.01
C TRP A 211 18.72 -7.32 -0.80
N GLY A 212 18.52 -7.89 0.39
CA GLY A 212 18.83 -7.19 1.61
C GLY A 212 17.83 -6.07 1.92
N PRO A 213 17.95 -5.43 3.09
CA PRO A 213 17.01 -4.38 3.55
C PRO A 213 16.90 -3.22 2.57
N CYS A 214 15.74 -2.59 2.48
CA CYS A 214 15.57 -1.40 1.66
C CYS A 214 15.08 -0.24 2.53
N TRP A 215 15.14 0.99 2.02
CA TRP A 215 14.86 2.12 2.90
C TRP A 215 13.39 2.14 3.35
N LEU A 216 12.50 1.72 2.48
CA LEU A 216 11.06 1.76 2.78
C LEU A 216 10.77 0.82 3.95
N GLU A 217 11.29 -0.38 3.83
CA GLU A 217 11.19 -1.37 4.89
C GLU A 217 11.79 -0.87 6.20
N ASN A 218 12.95 -0.23 6.12
CA ASN A 218 13.58 0.29 7.33
C ASN A 218 12.77 1.40 8.00
N ALA A 219 12.22 2.30 7.20
CA ALA A 219 11.44 3.41 7.73
C ALA A 219 10.22 2.93 8.51
N GLU A 220 9.41 2.08 7.87
CA GLU A 220 8.21 1.54 8.51
C GLU A 220 8.51 0.46 9.53
N SER A 221 9.71 -0.11 9.41
CA SER A 221 10.06 -1.29 10.17
C SER A 221 9.07 -2.40 9.85
N LEU A 222 8.94 -2.68 8.56
CA LEU A 222 8.03 -3.71 8.05
C LEU A 222 8.73 -4.48 6.93
N GLU A 223 9.15 -5.73 7.22
CA GLU A 223 9.94 -6.50 6.26
C GLU A 223 9.15 -6.84 5.00
N GLN A 224 7.82 -6.88 5.10
CA GLN A 224 7.04 -7.23 3.93
C GLN A 224 7.06 -6.13 2.85
N LEU A 225 7.53 -4.93 3.21
CA LEU A 225 7.65 -3.85 2.23
C LEU A 225 8.86 -4.06 1.32
N ARG A 226 9.76 -4.97 1.70
CA ARG A 226 10.89 -5.24 0.82
C ARG A 226 10.38 -5.84 -0.48
N ALA A 227 9.48 -6.81 -0.36
CA ALA A 227 8.80 -7.40 -1.51
C ALA A 227 8.11 -6.32 -2.36
N LEU A 228 7.31 -5.48 -1.71
CA LEU A 228 6.57 -4.45 -2.46
C LEU A 228 7.51 -3.50 -3.17
N TRP A 229 8.55 -3.09 -2.48
CA TRP A 229 9.50 -2.16 -3.08
C TRP A 229 10.14 -2.76 -4.34
N HIS A 230 10.42 -4.06 -4.30
CA HIS A 230 11.05 -4.72 -5.44
C HIS A 230 10.04 -5.16 -6.50
N GLY A 231 8.78 -4.78 -6.30
CA GLY A 231 7.77 -5.00 -7.32
C GLY A 231 7.11 -6.36 -7.30
N VAL A 232 7.40 -7.16 -6.28
CA VAL A 232 6.74 -8.43 -6.06
C VAL A 232 5.34 -8.18 -5.49
N ARG A 233 4.34 -8.96 -5.91
CA ARG A 233 2.98 -8.75 -5.43
CA ARG A 233 2.96 -8.77 -5.44
C ARG A 233 2.65 -9.65 -4.23
N ILE A 234 1.79 -9.15 -3.35
CA ILE A 234 1.38 -9.87 -2.14
C ILE A 234 -0.14 -9.94 -2.15
N HIS A 235 -0.68 -11.15 -2.11
CA HIS A 235 -2.13 -11.27 -2.02
C HIS A 235 -2.59 -11.20 -0.58
N VAL A 236 -3.67 -10.46 -0.36
CA VAL A 236 -4.23 -10.26 0.97
C VAL A 236 -5.71 -10.62 0.95
N ALA A 237 -6.16 -11.35 1.96
CA ALA A 237 -7.57 -11.71 2.09
C ALA A 237 -8.03 -11.47 3.51
N ASP A 238 -9.31 -11.17 3.67
CA ASP A 238 -9.93 -11.13 4.98
C ASP A 238 -9.83 -12.52 5.64
N ALA A 239 -9.36 -12.55 6.88
CA ALA A 239 -9.26 -13.80 7.63
C ALA A 239 -10.61 -14.50 7.67
N ARG A 240 -10.61 -15.80 7.41
CA ARG A 240 -11.84 -16.58 7.32
C ARG A 240 -12.54 -16.67 8.67
N GLU A 241 -11.80 -16.48 9.75
CA GLU A 241 -12.37 -16.38 11.08
C GLU A 241 -11.46 -15.53 11.97
N ASN A 242 -11.91 -15.25 13.18
CA ASN A 242 -11.23 -14.32 14.07
C ASN A 242 -9.88 -14.85 14.58
N MET A 243 -8.91 -13.95 14.62
CA MET A 243 -7.56 -14.25 15.09
C MET A 243 -7.35 -13.55 16.44
N LEU A 244 -7.32 -14.30 17.54
CA LEU A 244 -7.16 -13.69 18.86
C LEU A 244 -5.71 -13.23 19.02
N PRO A 245 -5.46 -12.26 19.91
CA PRO A 245 -4.10 -11.72 20.02
C PRO A 245 -3.10 -12.80 20.52
N GLY A 246 -1.85 -12.71 20.09
CA GLY A 246 -0.80 -13.60 20.55
C GLY A 246 -0.22 -13.19 21.88
N VAL A 247 0.95 -13.74 22.20
CA VAL A 247 1.49 -13.64 23.55
C VAL A 247 2.82 -12.85 23.56
N ASP A 248 2.90 -11.84 24.41
CA ASP A 248 4.11 -11.08 24.61
C ASP A 248 4.44 -10.87 26.07
N THR A 249 3.43 -11.00 26.92
CA THR A 249 3.57 -10.61 28.33
C THR A 249 2.97 -11.68 29.23
N PRO A 250 3.32 -11.65 30.54
CA PRO A 250 2.65 -12.56 31.49
C PRO A 250 1.12 -12.45 31.45
N GLU A 251 0.61 -11.25 31.18
CA GLU A 251 -0.82 -11.04 31.19
C GLU A 251 -1.46 -11.70 29.97
N ASP A 252 -0.77 -11.69 28.83
CA ASP A 252 -1.24 -12.43 27.65
C ASP A 252 -1.33 -13.93 27.91
N LEU A 253 -0.32 -14.46 28.60
CA LEU A 253 -0.36 -15.88 29.00
C LEU A 253 -1.61 -16.18 29.81
N GLU A 254 -1.90 -15.33 30.78
CA GLU A 254 -3.08 -15.51 31.62
C GLU A 254 -4.35 -15.53 30.78
N ARG A 255 -4.46 -14.58 29.85
CA ARG A 255 -5.60 -14.52 28.94
C ARG A 255 -5.77 -15.82 28.15
N VAL A 256 -4.69 -16.32 27.58
CA VAL A 256 -4.76 -17.51 26.75
C VAL A 256 -5.07 -18.74 27.62
N ARG A 257 -4.50 -18.79 28.82
CA ARG A 257 -4.82 -19.88 29.76
C ARG A 257 -6.32 -19.99 30.05
N ARG A 258 -6.99 -18.85 30.25
CA ARG A 258 -8.44 -18.87 30.50
C ARG A 258 -9.20 -19.50 29.34
N VAL A 259 -8.81 -19.16 28.11
CA VAL A 259 -9.43 -19.72 26.92
C VAL A 259 -9.30 -21.24 26.94
N LEU A 260 -8.14 -21.73 27.39
CA LEU A 260 -7.87 -23.17 27.28
C LEU A 260 -8.20 -23.91 28.56
N GLY A 261 -8.87 -23.25 29.50
CA GLY A 261 -9.32 -23.91 30.71
C GLY A 261 -8.36 -23.93 31.89
N GLY A 262 -7.19 -23.31 31.75
CA GLY A 262 -6.24 -23.19 32.84
C GLY A 262 -6.24 -21.83 33.53
N THR B 10 8.45 13.49 -28.41
CA THR B 10 8.31 13.15 -29.83
C THR B 10 6.85 12.97 -30.21
N GLN B 11 6.03 12.46 -29.29
CA GLN B 11 4.61 12.28 -29.56
C GLN B 11 3.79 13.51 -29.21
N ALA B 12 2.73 13.77 -29.98
CA ALA B 12 1.86 14.91 -29.72
C ALA B 12 0.89 14.63 -28.58
N PHE B 13 0.37 15.69 -27.98
CA PHE B 13 -0.61 15.53 -26.91
C PHE B 13 -1.48 16.77 -26.77
N THR B 14 -2.63 16.55 -26.15
CA THR B 14 -3.60 17.60 -25.90
C THR B 14 -3.63 17.82 -24.41
N VAL B 15 -3.64 19.09 -23.98
CA VAL B 15 -3.81 19.38 -22.57
C VAL B 15 -5.27 19.70 -22.30
N VAL B 16 -5.84 19.06 -21.29
CA VAL B 16 -7.16 19.46 -20.81
C VAL B 16 -7.02 19.88 -19.35
N ILE B 17 -7.58 21.03 -19.01
CA ILE B 17 -7.57 21.51 -17.64
C ILE B 17 -8.96 21.41 -17.03
N PRO B 18 -9.17 20.44 -16.14
CA PRO B 18 -10.48 20.35 -15.50
C PRO B 18 -10.61 21.40 -14.40
N ALA B 19 -11.66 22.21 -14.44
CA ALA B 19 -11.89 23.18 -13.37
C ALA B 19 -13.30 23.04 -12.77
N ARG B 20 -13.36 22.82 -11.46
CA ARG B 20 -14.65 22.67 -10.77
C ARG B 20 -15.03 23.90 -9.95
N TYR B 21 -16.30 24.27 -10.00
CA TYR B 21 -16.79 25.42 -9.24
C TYR B 21 -16.93 25.09 -7.76
N LYS B 29 -13.05 28.20 -6.35
CA LYS B 29 -11.62 27.93 -6.24
C LYS B 29 -10.82 28.39 -7.48
N PRO B 30 -11.31 28.07 -8.69
CA PRO B 30 -10.52 28.55 -9.84
C PRO B 30 -10.75 30.03 -10.15
N LEU B 31 -11.75 30.65 -9.51
CA LEU B 31 -12.11 32.04 -9.77
C LEU B 31 -12.12 32.92 -8.50
N GLN B 32 -10.95 33.37 -8.06
CA GLN B 32 -9.73 33.15 -8.82
C GLN B 32 -8.50 32.90 -7.91
N ASP B 33 -7.99 33.86 -7.13
CA ASP B 33 -8.40 35.25 -7.05
C ASP B 33 -7.17 36.14 -7.07
N ILE B 34 -6.02 35.54 -7.34
CA ILE B 34 -4.72 36.21 -7.20
C ILE B 34 -3.76 35.70 -8.29
N ALA B 35 -2.80 36.53 -8.72
CA ALA B 35 -2.54 37.87 -8.17
C ALA B 35 -3.42 38.93 -8.83
N GLY B 36 -3.39 38.94 -10.16
CA GLY B 36 -4.30 39.79 -10.92
C GLY B 36 -5.14 38.92 -11.84
N GLN B 37 -4.68 37.69 -12.04
CA GLN B 37 -5.38 36.73 -12.90
C GLN B 37 -5.90 35.53 -12.12
N PRO B 38 -6.96 34.89 -12.62
CA PRO B 38 -7.44 33.61 -12.10
C PRO B 38 -6.37 32.53 -11.98
N MET B 39 -6.52 31.66 -11.00
CA MET B 39 -5.62 30.53 -10.87
C MET B 39 -5.65 29.72 -12.17
N ILE B 40 -6.87 29.54 -12.68
CA ILE B 40 -7.10 28.79 -13.89
C ILE B 40 -6.37 29.44 -15.08
N GLN B 41 -6.32 30.78 -15.12
CA GLN B 41 -5.58 31.49 -16.16
C GLN B 41 -4.07 31.27 -16.05
N ARG B 42 -3.57 31.18 -14.82
CA ARG B 42 -2.15 30.90 -14.61
C ARG B 42 -1.83 29.51 -15.13
N VAL B 43 -2.69 28.56 -14.83
CA VAL B 43 -2.50 27.20 -15.32
C VAL B 43 -2.50 27.18 -16.84
N TRP B 44 -3.53 27.79 -17.43
CA TRP B 44 -3.65 27.90 -18.88
C TRP B 44 -2.42 28.55 -19.50
N ASN B 45 -1.96 29.65 -18.92
CA ASN B 45 -0.71 30.28 -19.38
C ASN B 45 0.47 29.31 -19.43
N GLN B 46 0.59 28.49 -18.40
CA GLN B 46 1.69 27.52 -18.38
C GLN B 46 1.45 26.50 -19.49
N ALA B 47 0.22 25.99 -19.57
CA ALA B 47 -0.06 24.92 -20.50
C ALA B 47 0.15 25.35 -21.96
N ARG B 48 -0.27 26.56 -22.32
CA ARG B 48 -0.17 26.92 -23.74
C ARG B 48 1.28 27.17 -24.16
N LYS B 49 2.16 27.39 -23.18
CA LYS B 49 3.57 27.51 -23.46
C LYS B 49 4.27 26.13 -23.54
N SER B 50 3.56 25.06 -23.22
CA SER B 50 4.14 23.72 -23.37
C SER B 50 4.08 23.29 -24.83
N ALA B 51 4.44 22.04 -25.11
CA ALA B 51 4.42 21.53 -26.48
C ALA B 51 3.03 21.00 -26.89
N ALA B 52 2.04 21.21 -26.04
CA ALA B 52 0.68 20.76 -26.30
C ALA B 52 0.21 21.24 -27.65
N SER B 53 -0.48 20.37 -28.40
CA SER B 53 -1.00 20.77 -29.70
C SER B 53 -2.22 21.67 -29.51
N ARG B 54 -2.85 21.56 -28.35
CA ARG B 54 -4.09 22.24 -28.04
C ARG B 54 -4.30 22.25 -26.54
N VAL B 55 -4.87 23.33 -26.02
CA VAL B 55 -5.19 23.42 -24.60
C VAL B 55 -6.67 23.75 -24.44
N VAL B 56 -7.39 22.95 -23.66
CA VAL B 56 -8.81 23.20 -23.47
C VAL B 56 -9.17 23.16 -21.99
N VAL B 57 -9.93 24.14 -21.54
CA VAL B 57 -10.51 24.10 -20.19
C VAL B 57 -11.81 23.31 -20.18
N ALA B 58 -11.95 22.38 -19.24
CA ALA B 58 -13.19 21.63 -19.08
C ALA B 58 -13.88 22.04 -17.79
N THR B 59 -15.08 22.56 -17.89
CA THR B 59 -15.79 22.98 -16.69
C THR B 59 -17.25 22.62 -16.80
N ASP B 60 -17.93 22.48 -15.67
CA ASP B 60 -19.38 22.30 -15.68
C ASP B 60 -20.10 23.55 -15.19
N ASP B 61 -19.37 24.65 -15.08
CA ASP B 61 -19.93 25.87 -14.53
C ASP B 61 -19.85 27.02 -15.54
N GLU B 62 -21.00 27.58 -15.88
CA GLU B 62 -21.06 28.61 -16.92
C GLU B 62 -20.28 29.87 -16.56
N ARG B 63 -20.18 30.17 -15.27
CA ARG B 63 -19.36 31.29 -14.81
C ARG B 63 -17.88 31.04 -15.09
N ILE B 64 -17.42 29.82 -14.90
CA ILE B 64 -16.04 29.49 -15.17
C ILE B 64 -15.82 29.50 -16.68
N LEU B 65 -16.75 28.91 -17.42
CA LEU B 65 -16.67 28.96 -18.89
C LEU B 65 -16.54 30.39 -19.38
N ALA B 66 -17.36 31.28 -18.84
CA ALA B 66 -17.35 32.67 -19.29
C ALA B 66 -16.03 33.34 -18.95
N ALA B 67 -15.52 33.05 -17.75
CA ALA B 67 -14.26 33.64 -17.29
C ALA B 67 -13.09 33.21 -18.18
N CYS B 68 -13.06 31.92 -18.55
CA CYS B 68 -11.96 31.43 -19.37
C CYS B 68 -12.03 31.99 -20.78
N GLN B 69 -13.21 31.99 -21.37
CA GLN B 69 -13.35 32.61 -22.71
C GLN B 69 -12.97 34.07 -22.60
N GLY B 70 -13.28 34.67 -21.45
CA GLY B 70 -12.95 36.05 -21.16
C GLY B 70 -11.47 36.40 -21.15
N PHE B 71 -10.59 35.43 -20.90
CA PHE B 71 -9.17 35.72 -21.05
C PHE B 71 -8.53 35.00 -22.25
N GLY B 72 -9.36 34.47 -23.15
CA GLY B 72 -8.87 33.95 -24.42
C GLY B 72 -8.75 32.43 -24.54
N ALA B 73 -9.09 31.69 -23.48
CA ALA B 73 -8.94 30.22 -23.49
C ALA B 73 -10.08 29.52 -24.21
N GLU B 74 -9.77 28.48 -24.96
CA GLU B 74 -10.82 27.58 -25.41
C GLU B 74 -11.38 26.81 -24.24
N ALA B 75 -12.68 26.91 -24.02
CA ALA B 75 -13.30 26.25 -22.88
C ALA B 75 -14.57 25.49 -23.28
N LEU B 76 -14.75 24.29 -22.74
CA LEU B 76 -15.92 23.49 -23.05
C LEU B 76 -16.74 23.29 -21.79
N LEU B 77 -18.06 23.39 -21.94
CA LEU B 77 -18.98 23.16 -20.82
C LEU B 77 -19.41 21.70 -20.85
N THR B 78 -19.04 20.95 -19.80
CA THR B 78 -19.32 19.54 -19.73
C THR B 78 -20.63 19.28 -18.98
N ARG B 79 -21.09 18.03 -18.96
CA ARG B 79 -22.27 17.70 -18.16
C ARG B 79 -21.98 17.95 -16.67
N ALA B 80 -23.01 18.23 -15.88
CA ALA B 80 -22.82 18.52 -14.46
C ALA B 80 -22.59 17.27 -13.58
N GLU B 81 -22.89 16.08 -14.09
CA GLU B 81 -22.92 14.90 -13.22
C GLU B 81 -21.56 14.23 -13.00
N HIS B 82 -20.50 14.69 -13.68
CA HIS B 82 -19.21 14.03 -13.56
C HIS B 82 -18.70 14.04 -12.11
N ASN B 83 -18.09 12.93 -11.68
CA ASN B 83 -17.65 12.80 -10.30
C ASN B 83 -16.13 12.88 -10.15
N SER B 84 -15.44 13.30 -11.21
CA SER B 84 -13.99 13.52 -11.14
C SER B 84 -13.53 14.30 -12.36
N GLY B 85 -12.39 14.99 -12.22
CA GLY B 85 -11.77 15.69 -13.32
C GLY B 85 -11.50 14.76 -14.48
N THR B 86 -11.11 13.53 -14.20
CA THR B 86 -10.80 12.59 -15.28
C THR B 86 -12.07 12.22 -16.07
N ASP B 87 -13.21 12.13 -15.38
CA ASP B 87 -14.48 11.88 -16.04
C ASP B 87 -14.86 13.05 -16.96
N ARG B 88 -14.81 14.25 -16.39
CA ARG B 88 -15.03 15.50 -17.10
C ARG B 88 -14.11 15.57 -18.30
N LEU B 89 -12.88 15.12 -18.09
CA LEU B 89 -11.87 15.19 -19.11
C LEU B 89 -12.17 14.23 -20.27
N GLU B 90 -12.76 13.09 -19.96
CA GLU B 90 -13.14 12.10 -20.97
C GLU B 90 -14.24 12.59 -21.91
N GLU B 91 -15.19 13.34 -21.37
CA GLU B 91 -16.21 13.97 -22.22
C GLU B 91 -15.53 14.89 -23.23
N VAL B 92 -14.57 15.68 -22.76
CA VAL B 92 -13.89 16.61 -23.64
C VAL B 92 -13.10 15.87 -24.73
N ALA B 93 -12.36 14.83 -24.36
CA ALA B 93 -11.56 14.12 -25.37
C ALA B 93 -12.47 13.56 -26.44
N SER B 94 -13.63 13.07 -26.01
CA SER B 94 -14.61 12.53 -26.92
CA SER B 94 -14.62 12.52 -26.93
C SER B 94 -15.15 13.62 -27.85
N ARG B 95 -15.41 14.79 -27.28
CA ARG B 95 -15.96 15.89 -28.08
C ARG B 95 -14.93 16.45 -29.05
N LEU B 96 -13.65 16.36 -28.69
CA LEU B 96 -12.60 16.88 -29.55
C LEU B 96 -12.26 15.90 -30.66
N GLY B 97 -12.87 14.72 -30.61
CA GLY B 97 -12.67 13.72 -31.64
C GLY B 97 -11.28 13.10 -31.67
N LEU B 98 -10.64 13.02 -30.50
CA LEU B 98 -9.30 12.45 -30.40
C LEU B 98 -9.31 10.93 -30.60
N ALA B 99 -8.26 10.41 -31.24
CA ALA B 99 -8.11 8.97 -31.44
C ALA B 99 -7.91 8.28 -30.11
N SER B 100 -8.26 7.00 -30.03
CA SER B 100 -8.22 6.28 -28.76
C SER B 100 -6.79 6.15 -28.24
N ASP B 101 -5.82 6.17 -29.16
CA ASP B 101 -4.41 6.08 -28.75
C ASP B 101 -3.74 7.45 -28.56
N ALA B 102 -4.53 8.51 -28.72
CA ALA B 102 -4.05 9.88 -28.53
C ALA B 102 -3.72 10.14 -27.06
N ILE B 103 -2.66 10.89 -26.80
CA ILE B 103 -2.28 11.22 -25.43
C ILE B 103 -2.97 12.49 -24.98
N VAL B 104 -3.55 12.43 -23.79
CA VAL B 104 -4.10 13.60 -23.14
C VAL B 104 -3.33 13.85 -21.86
N VAL B 105 -3.01 15.11 -21.61
CA VAL B 105 -2.42 15.50 -20.33
C VAL B 105 -3.43 16.31 -19.53
N ASN B 106 -3.78 15.77 -18.37
CA ASN B 106 -4.60 16.47 -17.38
C ASN B 106 -3.68 17.35 -16.54
N VAL B 107 -3.78 18.68 -16.72
CA VAL B 107 -3.14 19.60 -15.78
C VAL B 107 -4.23 20.12 -14.88
N GLN B 108 -4.16 19.81 -13.60
CA GLN B 108 -5.25 20.21 -12.71
C GLN B 108 -5.21 21.73 -12.52
N GLY B 109 -6.39 22.32 -12.37
CA GLY B 109 -6.50 23.76 -12.28
C GLY B 109 -5.98 24.32 -10.97
N ASP B 110 -5.54 23.42 -10.07
CA ASP B 110 -4.99 23.85 -8.79
C ASP B 110 -3.47 23.76 -8.80
N GLU B 111 -2.89 23.59 -9.98
CA GLU B 111 -1.43 23.52 -10.07
C GLU B 111 -0.87 24.66 -10.94
N PRO B 112 -0.92 25.92 -10.44
CA PRO B 112 -0.47 27.07 -11.23
C PRO B 112 1.05 27.14 -11.38
N LEU B 113 1.77 26.42 -10.54
CA LEU B 113 3.23 26.50 -10.54
C LEU B 113 3.89 25.47 -11.44
N ILE B 114 3.09 24.71 -12.18
CA ILE B 114 3.67 23.71 -13.07
C ILE B 114 4.29 24.39 -14.29
N PRO B 115 5.62 24.31 -14.43
CA PRO B 115 6.25 24.83 -15.63
C PRO B 115 5.95 23.94 -16.83
N PRO B 116 5.99 24.50 -18.04
CA PRO B 116 5.65 23.72 -19.24
C PRO B 116 6.53 22.48 -19.43
N ALA B 117 7.78 22.53 -18.99
CA ALA B 117 8.69 21.39 -19.12
C ALA B 117 8.14 20.16 -18.40
N LEU B 118 7.42 20.36 -17.31
CA LEU B 118 6.84 19.25 -16.57
C LEU B 118 5.72 18.64 -17.38
N ILE B 119 4.99 19.49 -18.09
CA ILE B 119 3.89 19.03 -18.91
C ILE B 119 4.43 18.17 -20.03
N ASP B 120 5.50 18.64 -20.68
CA ASP B 120 6.16 17.87 -21.73
C ASP B 120 6.67 16.55 -21.14
N GLN B 121 7.25 16.65 -19.94
CA GLN B 121 7.86 15.49 -19.28
C GLN B 121 6.87 14.33 -19.06
N VAL B 122 5.68 14.64 -18.54
CA VAL B 122 4.76 13.58 -18.16
C VAL B 122 4.21 12.90 -19.42
N ALA B 123 4.07 13.65 -20.51
CA ALA B 123 3.62 13.05 -21.75
C ALA B 123 4.66 12.09 -22.31
N ALA B 124 5.92 12.50 -22.26
CA ALA B 124 7.01 11.68 -22.75
C ALA B 124 7.13 10.41 -21.92
N ASN B 125 6.94 10.55 -20.62
CA ASN B 125 7.07 9.43 -19.70
C ASN B 125 6.03 8.33 -20.00
N LEU B 126 4.81 8.74 -20.35
CA LEU B 126 3.76 7.79 -20.67
C LEU B 126 4.18 6.88 -21.83
N ALA B 127 4.74 7.49 -22.87
CA ALA B 127 5.16 6.74 -24.03
C ALA B 127 6.33 5.82 -23.69
N ALA B 128 7.17 6.25 -22.75
CA ALA B 128 8.34 5.47 -22.35
C ALA B 128 8.00 4.33 -21.41
N HIS B 129 6.78 4.31 -20.87
CA HIS B 129 6.43 3.29 -19.89
C HIS B 129 5.13 2.58 -20.22
N PRO B 130 5.14 1.72 -21.25
CA PRO B 130 3.94 0.98 -21.66
C PRO B 130 3.36 0.11 -20.54
N GLU B 131 4.16 -0.20 -19.53
CA GLU B 131 3.69 -1.06 -18.46
C GLU B 131 2.70 -0.33 -17.56
N ALA B 132 2.53 0.97 -17.77
CA ALA B 132 1.62 1.75 -16.93
C ALA B 132 0.55 2.42 -17.79
N ALA B 133 -0.66 2.59 -17.27
CA ALA B 133 -1.73 3.23 -18.03
C ALA B 133 -1.73 4.75 -17.81
N ILE B 134 -1.09 5.17 -16.73
CA ILE B 134 -1.05 6.58 -16.35
C ILE B 134 0.37 6.95 -15.97
N ALA B 135 0.83 8.10 -16.44
CA ALA B 135 2.08 8.68 -15.98
C ALA B 135 1.76 9.93 -15.18
N THR B 136 2.49 10.11 -14.08
CA THR B 136 2.32 11.30 -13.26
C THR B 136 3.67 11.70 -12.65
N LEU B 137 3.68 12.74 -11.82
CA LEU B 137 4.91 13.33 -11.35
C LEU B 137 4.88 13.57 -9.86
N ALA B 138 6.06 13.70 -9.26
CA ALA B 138 6.19 13.95 -7.83
C ALA B 138 7.34 14.91 -7.58
N GLU B 139 7.35 15.55 -6.41
CA GLU B 139 8.47 16.38 -6.01
C GLU B 139 8.77 16.10 -4.54
N PRO B 140 10.00 16.39 -4.09
CA PRO B 140 10.38 16.12 -2.69
C PRO B 140 9.60 16.96 -1.70
N ILE B 141 9.38 16.42 -0.52
CA ILE B 141 8.80 17.17 0.58
C ILE B 141 9.90 17.53 1.56
N HIS B 142 10.02 18.82 1.90
CA HIS B 142 11.08 19.28 2.81
C HIS B 142 10.55 19.75 4.16
N GLU B 143 9.23 19.87 4.27
CA GLU B 143 8.61 20.35 5.51
C GLU B 143 7.77 19.28 6.16
N VAL B 144 8.03 19.01 7.44
CA VAL B 144 7.31 17.96 8.13
C VAL B 144 5.81 18.30 8.21
N SER B 145 5.49 19.59 8.26
CA SER B 145 4.09 20.00 8.37
C SER B 145 3.31 19.53 7.14
N ALA B 146 3.95 19.54 5.98
CA ALA B 146 3.32 19.05 4.76
C ALA B 146 2.95 17.57 4.85
N LEU B 147 3.76 16.78 5.55
CA LEU B 147 3.46 15.38 5.71
C LEU B 147 2.17 15.15 6.46
N PHE B 148 1.92 15.99 7.46
CA PHE B 148 0.75 15.81 8.31
C PHE B 148 -0.39 16.69 7.84
N ASN B 149 -0.24 17.24 6.66
CA ASN B 149 -1.27 18.08 6.06
C ASN B 149 -2.05 17.27 5.02
N PRO B 150 -3.33 16.97 5.30
CA PRO B 150 -4.20 16.17 4.43
C PRO B 150 -4.37 16.81 3.06
N ASN B 151 -4.17 18.12 2.98
CA ASN B 151 -4.26 18.82 1.71
C ASN B 151 -3.07 18.53 0.80
N VAL B 152 -2.01 17.97 1.35
CA VAL B 152 -0.85 17.62 0.53
C VAL B 152 -0.91 16.12 0.26
N VAL B 153 -0.92 15.75 -1.02
CA VAL B 153 -1.01 14.34 -1.38
C VAL B 153 0.38 13.73 -1.40
N LYS B 154 0.56 12.66 -0.61
CA LYS B 154 1.82 11.93 -0.60
C LYS B 154 1.73 10.74 -1.54
N VAL B 155 2.87 10.35 -2.11
CA VAL B 155 2.93 9.15 -2.94
C VAL B 155 4.16 8.32 -2.56
N ALA B 156 4.00 7.00 -2.53
CA ALA B 156 5.11 6.08 -2.35
C ALA B 156 5.19 5.19 -3.59
N THR B 157 6.40 4.99 -4.08
CA THR B 157 6.60 4.18 -5.28
C THR B 157 7.50 2.97 -5.01
N ASP B 158 7.52 2.04 -5.96
CA ASP B 158 8.45 0.94 -5.86
C ASP B 158 9.76 1.27 -6.59
N ILE B 159 10.67 0.32 -6.64
CA ILE B 159 11.99 0.55 -7.23
C ILE B 159 11.93 0.93 -8.72
N ASP B 160 10.85 0.58 -9.41
CA ASP B 160 10.73 0.86 -10.84
C ASP B 160 9.87 2.09 -11.10
N GLY B 161 9.59 2.85 -10.05
CA GLY B 161 8.81 4.07 -10.21
C GLY B 161 7.31 3.90 -10.30
N LEU B 162 6.82 2.68 -10.09
CA LEU B 162 5.38 2.47 -10.07
C LEU B 162 4.83 2.79 -8.70
N ALA B 163 3.71 3.49 -8.67
CA ALA B 163 3.06 3.87 -7.41
C ALA B 163 2.69 2.64 -6.61
N LEU B 164 2.99 2.68 -5.31
CA LEU B 164 2.43 1.71 -4.36
C LEU B 164 1.03 2.18 -3.99
N THR B 165 0.95 3.37 -3.41
CA THR B 165 -0.34 4.04 -3.33
C THR B 165 -0.15 5.55 -3.19
N PHE B 166 -1.27 6.26 -3.19
CA PHE B 166 -1.32 7.70 -2.94
C PHE B 166 -2.14 7.88 -1.68
N SER B 167 -1.77 8.84 -0.84
CA SER B 167 -2.56 9.07 0.36
C SER B 167 -2.34 10.46 0.92
N ARG B 168 -3.37 11.00 1.57
CA ARG B 168 -3.25 12.24 2.33
C ARG B 168 -2.60 12.02 3.69
N ALA B 169 -2.51 10.75 4.12
CA ALA B 169 -1.85 10.41 5.37
C ALA B 169 -0.34 10.53 5.22
N PRO B 170 0.39 10.67 6.36
CA PRO B 170 1.86 10.73 6.34
C PRO B 170 2.48 9.39 5.90
N LEU B 171 2.85 9.30 4.64
CA LEU B 171 3.28 8.07 3.99
C LEU B 171 4.59 8.28 3.28
N PRO B 172 5.56 7.39 3.50
CA PRO B 172 5.52 6.28 4.47
C PRO B 172 5.69 6.75 5.91
N TRP B 173 5.31 5.91 6.85
CA TRP B 173 5.48 6.20 8.27
C TRP B 173 6.90 5.88 8.71
N ALA B 174 7.58 6.84 9.31
CA ALA B 174 8.92 6.60 9.86
C ALA B 174 8.78 6.25 11.35
N ARG B 175 8.74 4.95 11.65
CA ARG B 175 8.35 4.51 12.98
CA ARG B 175 8.35 4.52 12.99
C ARG B 175 9.23 5.07 14.09
N ASP B 176 10.54 4.82 14.00
CA ASP B 176 11.44 5.24 15.07
C ASP B 176 11.50 6.74 15.20
N ALA B 177 11.60 7.41 14.05
CA ALA B 177 11.66 8.87 13.99
C ALA B 177 10.44 9.51 14.63
N PHE B 178 9.26 9.11 14.19
CA PHE B 178 8.02 9.70 14.69
C PHE B 178 7.71 9.32 16.14
N ALA B 179 8.32 8.24 16.63
CA ALA B 179 8.16 7.88 18.03
C ALA B 179 8.96 8.82 18.90
N ARG B 180 9.94 9.48 18.30
CA ARG B 180 10.84 10.35 19.06
C ARG B 180 10.37 11.80 18.97
N ASP B 181 9.94 12.18 17.78
CA ASP B 181 9.55 13.57 17.53
C ASP B 181 8.66 13.64 16.29
N ARG B 182 7.38 13.93 16.50
CA ARG B 182 6.43 14.07 15.42
C ARG B 182 6.67 15.35 14.67
N ASP B 183 7.44 16.25 15.27
CA ASP B 183 7.54 17.63 14.79
C ASP B 183 8.85 17.96 14.08
N SER B 184 9.54 16.94 13.59
CA SER B 184 10.68 17.17 12.70
C SER B 184 10.67 16.12 11.61
N LEU B 185 11.17 16.48 10.44
CA LEU B 185 11.16 15.61 9.27
C LEU B 185 12.21 14.51 9.42
N PRO B 186 11.78 13.24 9.30
CA PRO B 186 12.69 12.10 9.46
C PRO B 186 13.83 12.11 8.47
N GLU B 187 15.07 11.93 8.92
CA GLU B 187 16.23 11.98 8.03
C GLU B 187 16.33 10.70 7.20
N GLY B 188 16.90 10.82 6.00
CA GLY B 188 17.09 9.66 5.14
C GLY B 188 15.84 8.95 4.63
N VAL B 189 14.75 9.69 4.49
CA VAL B 189 13.53 9.11 3.95
C VAL B 189 13.01 10.05 2.86
N PRO B 190 13.01 9.58 1.60
CA PRO B 190 12.62 10.43 0.45
C PRO B 190 11.12 10.67 0.33
N TYR B 191 10.58 11.58 1.13
CA TYR B 191 9.16 11.88 1.02
C TYR B 191 8.82 12.59 -0.27
N ARG B 192 7.66 12.25 -0.83
CA ARG B 192 7.22 12.78 -2.12
C ARG B 192 5.79 13.34 -2.11
N ARG B 193 5.63 14.58 -2.56
CA ARG B 193 4.31 15.13 -2.85
C ARG B 193 3.91 14.77 -4.27
N HIS B 194 2.70 14.27 -4.43
CA HIS B 194 2.17 14.00 -5.76
C HIS B 194 1.75 15.30 -6.43
N ILE B 195 2.29 15.53 -7.63
CA ILE B 195 1.87 16.67 -8.43
C ILE B 195 0.62 16.32 -9.23
N GLY B 196 -0.38 17.20 -9.18
CA GLY B 196 -1.66 16.98 -9.85
C GLY B 196 -1.61 17.16 -11.35
N ILE B 197 -0.97 16.20 -12.02
CA ILE B 197 -0.82 16.21 -13.45
C ILE B 197 -0.75 14.75 -13.88
N TYR B 198 -1.47 14.41 -14.94
CA TYR B 198 -1.51 13.03 -15.43
C TYR B 198 -1.38 12.99 -16.94
N ALA B 199 -0.71 11.98 -17.45
CA ALA B 199 -0.79 11.68 -18.88
C ALA B 199 -1.44 10.31 -19.03
N TYR B 200 -2.40 10.22 -19.95
CA TYR B 200 -3.03 8.94 -20.27
C TYR B 200 -3.62 9.00 -21.67
N ARG B 201 -3.87 7.83 -22.26
CA ARG B 201 -4.44 7.82 -23.60
C ARG B 201 -5.96 7.84 -23.54
N VAL B 202 -6.57 8.31 -24.61
CA VAL B 202 -8.01 8.48 -24.70
C VAL B 202 -8.73 7.16 -24.47
N GLY B 203 -8.22 6.09 -25.07
CA GLY B 203 -8.76 4.76 -24.85
C GLY B 203 -8.88 4.41 -23.38
N PHE B 204 -7.86 4.76 -22.60
CA PHE B 204 -7.87 4.49 -21.19
C PHE B 204 -8.95 5.27 -20.46
N LEU B 205 -9.11 6.54 -20.84
CA LEU B 205 -10.13 7.38 -20.24
C LEU B 205 -11.50 6.72 -20.30
N ALA B 206 -11.79 6.08 -21.43
CA ALA B 206 -13.06 5.37 -21.59
C ALA B 206 -13.22 4.28 -20.53
N ASP B 207 -12.17 3.48 -20.33
CA ASP B 207 -12.21 2.41 -19.33
C ASP B 207 -12.37 2.99 -17.93
N PHE B 208 -11.68 4.08 -17.69
CA PHE B 208 -11.70 4.73 -16.40
C PHE B 208 -13.11 5.14 -16.01
N VAL B 209 -13.82 5.81 -16.93
CA VAL B 209 -15.14 6.30 -16.59
C VAL B 209 -16.10 5.11 -16.47
N ALA B 210 -15.85 4.06 -17.24
CA ALA B 210 -16.69 2.87 -17.19
C ALA B 210 -16.57 2.13 -15.85
N TRP B 211 -15.41 2.23 -15.21
CA TRP B 211 -15.21 1.61 -13.88
C TRP B 211 -16.16 2.20 -12.85
N GLY B 212 -16.38 3.51 -12.95
CA GLY B 212 -17.16 4.23 -11.96
C GLY B 212 -16.39 4.42 -10.67
N PRO B 213 -16.92 5.24 -9.76
CA PRO B 213 -16.22 5.56 -8.51
C PRO B 213 -16.12 4.36 -7.58
N CYS B 214 -15.01 4.25 -6.86
CA CYS B 214 -14.84 3.16 -5.91
C CYS B 214 -14.72 3.72 -4.50
N TRP B 215 -14.82 2.84 -3.51
CA TRP B 215 -14.86 3.30 -2.12
C TRP B 215 -13.54 3.97 -1.72
N LEU B 216 -12.43 3.48 -2.27
CA LEU B 216 -11.12 3.98 -1.88
C LEU B 216 -10.92 5.41 -2.38
N GLU B 217 -11.19 5.62 -3.66
CA GLU B 217 -11.23 6.96 -4.23
C GLU B 217 -12.13 7.88 -3.41
N ASN B 218 -13.32 7.41 -3.05
CA ASN B 218 -14.28 8.29 -2.39
C ASN B 218 -13.80 8.67 -0.98
N ALA B 219 -13.13 7.74 -0.29
CA ALA B 219 -12.66 8.01 1.07
C ALA B 219 -11.54 9.06 1.10
N GLU B 220 -10.53 8.87 0.26
CA GLU B 220 -9.40 9.80 0.23
C GLU B 220 -9.70 11.03 -0.62
N SER B 221 -10.79 10.98 -1.38
CA SER B 221 -11.07 12.01 -2.39
CA SER B 221 -11.07 12.00 -2.39
C SER B 221 -9.87 12.15 -3.32
N LEU B 222 -9.39 11.00 -3.83
CA LEU B 222 -8.26 10.91 -4.74
C LEU B 222 -8.63 10.05 -5.94
N GLU B 223 -8.95 10.68 -7.07
CA GLU B 223 -9.51 9.93 -8.19
C GLU B 223 -8.54 8.90 -8.76
N GLN B 224 -7.24 9.12 -8.59
CA GLN B 224 -6.25 8.22 -9.16
C GLN B 224 -6.29 6.86 -8.46
N LEU B 225 -6.88 6.80 -7.28
CA LEU B 225 -6.92 5.52 -6.57
C LEU B 225 -7.91 4.58 -7.26
N ARG B 226 -8.79 5.14 -8.10
CA ARG B 226 -9.68 4.26 -8.87
C ARG B 226 -8.87 3.38 -9.81
N ALA B 227 -7.83 3.96 -10.40
CA ALA B 227 -6.93 3.20 -11.26
C ALA B 227 -6.18 2.14 -10.44
N LEU B 228 -5.67 2.52 -9.28
CA LEU B 228 -4.97 1.52 -8.45
C LEU B 228 -5.93 0.42 -8.00
N TRP B 229 -7.14 0.80 -7.62
CA TRP B 229 -8.14 -0.18 -7.19
C TRP B 229 -8.38 -1.23 -8.27
N HIS B 230 -8.44 -0.81 -9.53
CA HIS B 230 -8.73 -1.77 -10.61
C HIS B 230 -7.48 -2.42 -11.19
N GLY B 231 -6.35 -2.24 -10.52
CA GLY B 231 -5.17 -3.03 -10.83
C GLY B 231 -4.24 -2.49 -11.91
N VAL B 232 -4.51 -1.30 -12.43
CA VAL B 232 -3.59 -0.78 -13.43
C VAL B 232 -2.47 -0.04 -12.72
N ARG B 233 -1.34 0.10 -13.40
CA ARG B 233 -0.15 0.66 -12.76
C ARG B 233 0.01 2.11 -13.15
N ILE B 234 0.54 2.91 -12.22
CA ILE B 234 0.77 4.33 -12.48
C ILE B 234 2.27 4.64 -12.32
N HIS B 235 2.89 5.11 -13.39
CA HIS B 235 4.31 5.48 -13.30
C HIS B 235 4.45 6.88 -12.71
N VAL B 236 5.33 6.97 -11.72
CA VAL B 236 5.62 8.22 -11.04
C VAL B 236 7.08 8.62 -11.28
N ALA B 237 7.32 9.82 -11.77
CA ALA B 237 8.69 10.30 -11.95
C ALA B 237 8.92 11.57 -11.15
N ASP B 238 10.14 11.79 -10.68
CA ASP B 238 10.44 13.05 -10.02
C ASP B 238 10.41 14.17 -11.04
N ALA B 239 9.81 15.29 -10.67
CA ALA B 239 9.75 16.46 -11.54
C ALA B 239 11.14 16.89 -11.99
N ARG B 240 11.31 17.09 -13.29
CA ARG B 240 12.62 17.34 -13.89
C ARG B 240 13.18 18.73 -13.55
N GLU B 241 12.30 19.65 -13.15
CA GLU B 241 12.74 20.94 -12.64
C GLU B 241 11.84 21.36 -11.48
N ASN B 242 12.30 22.31 -10.68
CA ASN B 242 11.56 22.74 -9.51
C ASN B 242 10.25 23.43 -9.91
N MET B 243 9.29 23.46 -8.98
CA MET B 243 8.01 24.12 -9.21
C MET B 243 8.15 25.64 -9.11
S SO4 C . -2.50 -33.52 22.29
O1 SO4 C . -3.38 -34.66 22.57
O2 SO4 C . -1.18 -33.74 22.87
O3 SO4 C . -2.38 -33.38 20.84
O4 SO4 C . -3.07 -32.31 22.87
NA NA D . -9.36 39.44 -20.95
S SO4 E . 7.80 -4.75 16.77
O1 SO4 E . 7.32 -5.92 17.50
O2 SO4 E . 9.27 -4.78 16.72
O3 SO4 E . 7.27 -4.76 15.41
O4 SO4 E . 7.37 -3.54 17.45
#